data_7T4D
#
_entry.id   7T4D
#
_cell.length_a   122.301
_cell.length_b   122.301
_cell.length_c   128.419
_cell.angle_alpha   90.000
_cell.angle_beta   90.000
_cell.angle_gamma   90.000
#
_symmetry.space_group_name_H-M   'I 4'
#
loop_
_entity.id
_entity.type
_entity.pdbx_description
1 polymer Epx4
2 non-polymer (4S)-2-METHYL-2,4-PENTANEDIOL
#
_entity_poly.entity_id   1
_entity_poly.type   'polypeptide(L)'
_entity_poly.pdbx_seq_one_letter_code
;SEDNIIGTTTQEIDEHGNVKTIITVKNQQIESYTSTDSGTAKNRSTLTVNANFLNDKYSNELTTILSLNGFIPSGRKFIF
PKNNTLKGEMLWPQRYSTAVYNIPLDKSVKITNSTPDNTIRSKEVSNSITYGIGGGIKMEGKQPGANLDANAAITKTISY
QQPDYETAKTTSTVTGVNWNTNFTETRDGYTRNSWNPVYGNQMFMYGRYTSNIRNNFTPDYQLSSLITSGFSPSYGLVLR
APKDVKKSRIKVVFARRSETYQQNWDGLNWWGRNFYDTKNPDSLSKVTLTFELDWQNHRVTFIELEHHHHHH
;
_entity_poly.pdbx_strand_id   B,A
#
# COMPACT_ATOMS: atom_id res chain seq x y z
N ASP A 3 27.97 18.39 0.82
CA ASP A 3 27.50 17.01 0.73
C ASP A 3 28.01 16.18 1.91
N ASN A 4 28.48 14.97 1.62
CA ASN A 4 28.93 14.06 2.68
C ASN A 4 30.33 14.36 3.22
N ILE A 5 31.10 15.13 2.45
CA ILE A 5 32.49 15.43 2.83
C ILE A 5 32.56 16.59 3.83
N ILE A 6 33.04 16.30 5.03
CA ILE A 6 33.16 17.31 6.09
C ILE A 6 34.48 18.05 6.00
N GLY A 7 35.47 17.42 5.37
CA GLY A 7 36.78 18.02 5.25
C GLY A 7 37.82 17.03 4.77
N THR A 8 39.09 17.40 4.88
CA THR A 8 40.17 16.54 4.42
C THR A 8 41.33 16.51 5.42
N THR A 9 41.98 15.35 5.50
CA THR A 9 43.16 15.19 6.34
C THR A 9 44.36 14.81 5.48
N THR A 10 45.47 15.53 5.65
CA THR A 10 46.65 15.32 4.83
C THR A 10 47.91 15.12 5.66
N GLN A 11 48.80 14.26 5.18
CA GLN A 11 50.09 14.06 5.82
C GLN A 11 51.21 14.09 4.79
N GLU A 12 52.17 14.98 4.99
CA GLU A 12 53.32 15.08 4.11
C GLU A 12 54.56 14.49 4.76
N ILE A 13 55.22 13.58 4.06
CA ILE A 13 56.44 12.95 4.59
C ILE A 13 57.64 13.22 3.69
N ASP A 14 58.58 14.03 4.16
CA ASP A 14 59.78 14.36 3.39
C ASP A 14 60.75 13.18 3.32
N GLU A 15 61.88 13.41 2.68
CA GLU A 15 62.89 12.38 2.47
C GLU A 15 63.64 11.96 3.74
N HIS A 16 63.32 12.58 4.87
CA HIS A 16 64.02 12.26 6.12
C HIS A 16 63.09 11.75 7.22
N GLY A 17 61.83 11.49 6.88
CA GLY A 17 60.87 10.94 7.83
C GLY A 17 60.13 11.99 8.63
N ASN A 18 60.29 13.26 8.26
CA ASN A 18 59.54 14.34 8.90
C ASN A 18 58.10 14.31 8.43
N VAL A 19 57.16 14.56 9.34
CA VAL A 19 55.75 14.49 9.00
C VAL A 19 55.00 15.78 9.31
N LYS A 20 54.32 16.31 8.30
CA LYS A 20 53.48 17.49 8.46
C LYS A 20 52.01 17.08 8.30
N THR A 21 51.14 17.67 9.11
CA THR A 21 49.72 17.34 9.06
C THR A 21 48.85 18.55 8.78
N ILE A 22 47.97 18.43 7.80
CA ILE A 22 47.07 19.51 7.41
C ILE A 22 45.62 19.05 7.48
N ILE A 23 44.83 19.73 8.31
CA ILE A 23 43.42 19.39 8.47
C ILE A 23 42.50 20.53 8.03
N THR A 24 41.56 20.22 7.16
CA THR A 24 40.63 21.20 6.63
C THR A 24 39.18 20.78 6.90
N VAL A 25 38.41 21.69 7.49
CA VAL A 25 36.99 21.45 7.74
C VAL A 25 36.14 22.56 7.12
N LYS A 26 34.92 22.22 6.72
CA LYS A 26 34.02 23.21 6.13
C LYS A 26 33.13 23.82 7.19
N ASN A 27 33.03 25.14 7.20
CA ASN A 27 32.15 25.82 8.13
C ASN A 27 30.79 26.05 7.46
N GLN A 28 29.71 25.71 8.14
CA GLN A 28 28.38 25.82 7.55
C GLN A 28 27.48 26.79 8.30
N GLN A 29 26.56 27.41 7.57
CA GLN A 29 25.62 28.37 8.15
C GLN A 29 24.56 27.67 8.99
N ILE A 30 24.15 26.49 8.56
CA ILE A 30 23.15 25.71 9.29
C ILE A 30 23.65 24.31 9.59
N GLU A 31 23.63 23.94 10.87
CA GLU A 31 24.10 22.62 11.29
C GLU A 31 22.91 21.72 11.59
N SER A 32 22.97 20.50 11.09
CA SER A 32 21.85 19.56 11.20
C SER A 32 22.23 18.32 11.98
N TYR A 33 21.51 18.06 13.06
CA TYR A 33 21.66 16.84 13.84
C TYR A 33 20.36 16.06 13.81
N THR A 34 20.46 14.74 13.61
CA THR A 34 19.27 13.92 13.44
C THR A 34 19.13 12.85 14.51
N SER A 35 17.88 12.46 14.78
CA SER A 35 17.59 11.38 15.72
C SER A 35 16.28 10.70 15.36
N THR A 36 16.09 9.48 15.84
CA THR A 36 14.91 8.70 15.51
C THR A 36 14.54 7.72 16.60
N ASP A 37 13.27 7.68 16.98
CA ASP A 37 12.77 6.65 17.88
C ASP A 37 11.39 6.17 17.47
N SER A 38 11.08 4.92 17.81
CA SER A 38 9.81 4.31 17.45
C SER A 38 9.11 3.72 18.66
N GLY A 39 7.80 3.53 18.56
CA GLY A 39 7.02 2.96 19.64
C GLY A 39 5.77 2.26 19.15
N THR A 40 5.33 1.26 19.91
CA THR A 40 4.12 0.51 19.55
C THR A 40 3.14 0.52 20.70
N ALA A 41 1.86 0.57 20.36
CA ALA A 41 0.80 0.70 21.36
C ALA A 41 0.06 -0.60 21.62
N LYS A 42 -0.93 -0.53 22.52
CA LYS A 42 -1.63 -1.71 22.99
C LYS A 42 -2.40 -2.43 21.89
N ASN A 43 -2.85 -1.69 20.88
CA ASN A 43 -3.58 -2.29 19.77
C ASN A 43 -2.70 -2.52 18.56
N ARG A 44 -1.39 -2.54 18.79
CA ARG A 44 -0.41 -2.83 17.74
C ARG A 44 -0.36 -1.77 16.64
N SER A 45 -0.61 -0.53 17.03
CA SER A 45 -0.39 0.60 16.13
C SER A 45 1.02 1.11 16.41
N THR A 46 1.76 1.44 15.36
CA THR A 46 3.14 1.85 15.54
C THR A 46 3.36 3.25 14.99
N LEU A 47 4.34 3.96 15.57
CA LEU A 47 4.70 5.27 15.06
C LEU A 47 6.20 5.49 15.13
N THR A 48 6.78 5.98 14.04
CA THR A 48 8.19 6.31 14.01
C THR A 48 8.36 7.82 13.89
N VAL A 49 9.19 8.39 14.75
CA VAL A 49 9.44 9.83 14.70
C VAL A 49 10.85 10.11 14.23
N ASN A 50 10.97 10.85 13.14
CA ASN A 50 12.27 11.27 12.65
C ASN A 50 12.43 12.77 12.88
N ALA A 51 13.43 13.14 13.67
CA ALA A 51 13.64 14.53 14.02
C ALA A 51 14.91 15.07 13.38
N ASN A 52 14.81 16.28 12.84
CA ASN A 52 15.96 16.94 12.23
C ASN A 52 16.19 18.28 12.89
N PHE A 53 17.10 18.30 13.85
CA PHE A 53 17.37 19.51 14.62
C PHE A 53 18.29 20.45 13.85
N LEU A 54 17.74 21.58 13.40
CA LEU A 54 18.53 22.56 12.68
C LEU A 54 18.92 23.73 13.56
N ASN A 55 20.18 24.13 13.46
CA ASN A 55 20.70 25.29 14.18
C ASN A 55 21.29 26.33 13.25
N ASP A 56 20.58 27.44 13.08
CA ASP A 56 21.05 28.50 12.19
C ASP A 56 21.92 29.46 13.00
N LYS A 57 23.22 29.38 12.75
CA LYS A 57 24.21 30.18 13.47
C LYS A 57 24.00 31.68 13.29
N TYR A 58 23.30 32.05 12.22
CA TYR A 58 23.04 33.45 11.94
C TYR A 58 21.59 33.80 12.23
N SER A 59 20.92 32.93 12.98
CA SER A 59 19.53 33.14 13.36
C SER A 59 19.36 33.05 14.87
N ASN A 60 18.25 33.58 15.38
CA ASN A 60 17.98 33.56 16.81
C ASN A 60 16.99 32.47 17.21
N GLU A 61 16.79 31.48 16.34
CA GLU A 61 15.85 30.42 16.67
C GLU A 61 16.39 29.04 16.35
N LEU A 62 15.77 28.04 16.97
CA LEU A 62 16.06 26.65 16.65
C LEU A 62 14.87 26.08 15.88
N THR A 63 15.15 25.26 14.88
CA THR A 63 14.08 24.66 14.10
C THR A 63 14.23 23.15 14.10
N THR A 64 13.14 22.47 14.44
CA THR A 64 13.13 21.01 14.42
C THR A 64 12.08 20.51 13.43
N ILE A 65 12.52 19.72 12.46
CA ILE A 65 11.62 19.15 11.48
C ILE A 65 11.32 17.71 11.82
N LEU A 66 10.05 17.42 12.07
CA LEU A 66 9.64 16.08 12.43
C LEU A 66 8.98 15.37 11.25
N SER A 67 9.25 14.08 11.13
CA SER A 67 8.60 13.24 10.13
C SER A 67 7.88 12.09 10.81
N LEU A 68 6.56 12.14 10.80
CA LEU A 68 5.75 11.13 11.47
C LEU A 68 5.31 10.04 10.50
N ASN A 69 5.78 8.83 10.75
CA ASN A 69 5.46 7.68 9.91
C ASN A 69 4.93 6.55 10.78
N GLY A 70 3.75 6.02 10.45
CA GLY A 70 3.14 5.01 11.28
C GLY A 70 2.37 3.92 10.57
N PHE A 71 1.73 3.07 11.37
CA PHE A 71 0.89 1.99 10.87
C PHE A 71 -0.23 1.69 11.86
N ILE A 72 -1.46 1.71 11.38
CA ILE A 72 -2.61 1.36 12.20
C ILE A 72 -3.39 0.23 11.56
N PRO A 73 -3.51 -0.91 12.27
CA PRO A 73 -4.27 -2.02 11.69
C PRO A 73 -5.74 -1.69 11.57
N SER A 74 -6.41 -2.27 10.58
CA SER A 74 -7.82 -1.97 10.35
C SER A 74 -8.69 -2.54 11.46
N GLY A 75 -8.30 -3.69 11.99
CA GLY A 75 -9.07 -4.35 13.02
C GLY A 75 -10.42 -4.77 12.50
N ARG A 76 -10.46 -5.16 11.23
CA ARG A 76 -11.71 -5.56 10.60
C ARG A 76 -12.09 -6.96 11.03
N LYS A 77 -13.38 -7.15 11.32
CA LYS A 77 -13.85 -8.44 11.80
C LYS A 77 -15.10 -8.89 11.07
N PHE A 78 -15.38 -10.19 11.16
CA PHE A 78 -16.57 -10.76 10.57
C PHE A 78 -17.36 -11.48 11.66
N ILE A 79 -18.64 -11.18 11.76
CA ILE A 79 -19.47 -11.77 12.79
C ILE A 79 -20.67 -12.49 12.17
N PHE A 80 -20.70 -13.81 12.35
CA PHE A 80 -21.79 -14.63 11.83
C PHE A 80 -22.48 -15.37 12.97
N PRO A 81 -23.81 -15.26 13.04
CA PRO A 81 -24.55 -16.02 14.06
C PRO A 81 -24.34 -17.50 13.85
N LYS A 82 -24.17 -18.27 14.92
CA LYS A 82 -23.86 -19.68 14.80
C LYS A 82 -24.97 -20.46 14.09
N ASN A 83 -26.21 -20.25 14.51
CA ASN A 83 -27.33 -20.97 13.94
C ASN A 83 -28.01 -20.23 12.78
N ASN A 84 -28.21 -18.92 12.94
CA ASN A 84 -28.81 -18.12 11.87
C ASN A 84 -27.85 -18.02 10.68
N THR A 85 -28.33 -18.41 9.50
CA THR A 85 -27.53 -18.32 8.29
C THR A 85 -28.10 -17.23 7.39
N LEU A 86 -29.03 -16.45 7.93
CA LEU A 86 -29.72 -15.42 7.18
C LEU A 86 -29.19 -14.04 7.58
N LYS A 87 -28.04 -14.03 8.23
CA LYS A 87 -27.47 -12.80 8.77
C LYS A 87 -25.94 -12.82 8.68
N GLY A 88 -25.35 -11.64 8.53
CA GLY A 88 -23.91 -11.51 8.49
C GLY A 88 -23.46 -10.09 8.78
N GLU A 89 -22.30 -9.95 9.41
CA GLU A 89 -21.77 -8.63 9.73
C GLU A 89 -20.29 -8.52 9.38
N MET A 90 -19.87 -7.29 9.06
CA MET A 90 -18.46 -7.00 8.87
C MET A 90 -18.11 -5.66 9.51
N LEU A 91 -17.23 -5.70 10.50
CA LEU A 91 -16.80 -4.49 11.18
C LEU A 91 -15.58 -3.91 10.45
N TRP A 92 -15.71 -2.69 9.93
CA TRP A 92 -14.66 -2.12 9.10
C TRP A 92 -14.30 -0.70 9.54
N PRO A 93 -13.05 -0.29 9.27
CA PRO A 93 -12.54 1.02 9.69
C PRO A 93 -13.02 2.16 8.81
N GLN A 94 -14.04 2.88 9.28
CA GLN A 94 -14.60 4.01 8.54
C GLN A 94 -13.66 5.21 8.54
N ARG A 95 -13.05 5.49 9.69
CA ARG A 95 -12.21 6.68 9.83
C ARG A 95 -10.96 6.46 10.68
N TYR A 96 -9.84 6.97 10.16
CA TYR A 96 -8.58 7.00 10.90
C TYR A 96 -8.29 8.45 11.28
N SER A 97 -8.05 8.71 12.56
CA SER A 97 -7.73 10.06 13.02
C SER A 97 -6.38 10.13 13.69
N THR A 98 -5.71 11.28 13.54
CA THR A 98 -4.43 11.51 14.20
C THR A 98 -4.34 12.91 14.76
N ALA A 99 -4.07 13.02 16.06
CA ALA A 99 -3.87 14.31 16.70
C ALA A 99 -2.45 14.42 17.24
N VAL A 100 -1.83 15.57 17.03
CA VAL A 100 -0.48 15.82 17.53
C VAL A 100 -0.48 17.05 18.44
N TYR A 101 0.07 16.88 19.64
CA TYR A 101 0.09 17.98 20.60
C TYR A 101 1.50 18.44 20.93
N ASN A 102 1.66 19.76 21.01
CA ASN A 102 2.95 20.35 21.31
C ASN A 102 2.98 20.81 22.77
N ILE A 103 3.75 20.10 23.58
CA ILE A 103 3.83 20.39 25.01
C ILE A 103 5.20 20.93 25.42
N PRO A 104 5.32 22.26 25.51
CA PRO A 104 6.56 22.89 25.98
C PRO A 104 6.78 22.60 27.45
N LEU A 105 8.04 22.37 27.84
CA LEU A 105 8.35 22.05 29.21
C LEU A 105 9.01 23.24 29.89
N ASP A 106 10.06 23.78 29.28
CA ASP A 106 10.75 24.94 29.83
C ASP A 106 10.40 26.25 29.12
N LYS A 107 10.87 26.38 27.88
CA LYS A 107 10.66 27.59 27.09
C LYS A 107 9.58 27.38 26.03
N SER A 108 9.15 28.47 25.40
CA SER A 108 8.08 28.40 24.42
C SER A 108 8.50 27.66 23.16
N VAL A 109 7.59 26.84 22.63
CA VAL A 109 7.79 26.16 21.36
C VAL A 109 6.48 26.20 20.57
N LYS A 110 6.58 26.41 19.27
CA LYS A 110 5.38 26.50 18.43
C LYS A 110 5.45 25.59 17.22
N ILE A 111 4.28 25.28 16.66
CA ILE A 111 4.20 24.54 15.41
C ILE A 111 3.98 25.55 14.29
N THR A 112 4.94 25.66 13.38
CA THR A 112 4.85 26.65 12.31
C THR A 112 4.38 26.02 11.00
N ASN A 113 4.40 24.70 10.93
CA ASN A 113 3.98 24.00 9.73
C ASN A 113 3.46 22.60 9.95
N SER A 114 2.35 22.29 9.29
CA SER A 114 1.77 20.95 9.33
C SER A 114 1.64 20.43 7.90
N THR A 115 1.72 19.12 7.76
CA THR A 115 1.62 18.49 6.44
C THR A 115 0.93 17.14 6.57
N PRO A 116 0.00 16.86 5.65
CA PRO A 116 -0.35 17.71 4.51
C PRO A 116 -1.42 18.75 4.87
N ASP A 117 -1.58 19.76 4.03
CA ASP A 117 -2.59 20.80 4.23
C ASP A 117 -3.83 20.49 3.39
N ASN A 118 -4.83 21.36 3.47
CA ASN A 118 -6.05 21.17 2.71
C ASN A 118 -5.97 21.79 1.31
N THR A 119 -5.62 20.97 0.33
CA THR A 119 -5.46 21.43 -1.04
C THR A 119 -6.79 21.57 -1.78
N ILE A 120 -6.93 22.64 -2.56
CA ILE A 120 -8.11 22.84 -3.38
C ILE A 120 -8.01 21.98 -4.63
N ARG A 121 -9.06 21.20 -4.89
CA ARG A 121 -9.04 20.25 -6.00
C ARG A 121 -9.78 20.80 -7.21
N SER A 122 -9.62 20.12 -8.35
CA SER A 122 -10.25 20.56 -9.60
C SER A 122 -10.89 19.40 -10.36
N LYS A 123 -11.66 19.75 -11.39
CA LYS A 123 -12.27 18.77 -12.26
C LYS A 123 -12.23 19.25 -13.71
N GLU A 124 -12.38 18.33 -14.64
CA GLU A 124 -12.40 18.67 -16.06
C GLU A 124 -13.83 18.72 -16.56
N VAL A 125 -14.19 19.80 -17.24
CA VAL A 125 -15.56 19.99 -17.72
C VAL A 125 -15.60 20.18 -19.23
N SER A 126 -16.52 19.48 -19.88
CA SER A 126 -16.73 19.64 -21.31
C SER A 126 -18.20 19.82 -21.65
N ASN A 127 -18.50 20.89 -22.39
CA ASN A 127 -19.86 21.13 -22.85
C ASN A 127 -19.93 21.00 -24.36
N SER A 128 -20.95 20.34 -24.87
CA SER A 128 -21.12 20.17 -26.30
C SER A 128 -22.53 20.54 -26.72
N ILE A 129 -22.67 21.00 -27.97
CA ILE A 129 -23.97 21.27 -28.55
C ILE A 129 -23.95 20.89 -30.01
N THR A 130 -25.02 20.25 -30.47
CA THR A 130 -25.08 19.78 -31.85
C THR A 130 -26.39 20.15 -32.52
N TYR A 131 -26.30 20.57 -33.78
CA TYR A 131 -27.47 20.88 -34.59
C TYR A 131 -27.50 19.97 -35.80
N GLY A 132 -28.67 19.44 -36.12
CA GLY A 132 -28.78 18.54 -37.24
C GLY A 132 -29.85 18.93 -38.23
N ILE A 133 -29.60 18.61 -39.49
CA ILE A 133 -30.53 18.88 -40.57
C ILE A 133 -30.53 17.70 -41.52
N GLY A 134 -31.72 17.23 -41.88
CA GLY A 134 -31.82 16.08 -42.77
C GLY A 134 -33.06 16.12 -43.63
N GLY A 135 -32.99 15.42 -44.76
CA GLY A 135 -34.11 15.34 -45.68
C GLY A 135 -33.86 14.27 -46.71
N GLY A 136 -34.93 13.82 -47.36
CA GLY A 136 -34.80 12.83 -48.41
C GLY A 136 -36.09 12.59 -49.17
N ILE A 137 -35.96 11.88 -50.29
CA ILE A 137 -37.11 11.49 -51.10
C ILE A 137 -37.10 9.98 -51.30
N LYS A 138 -38.24 9.42 -51.66
CA LYS A 138 -38.38 7.98 -51.78
C LYS A 138 -39.35 7.61 -52.89
N MET A 139 -39.29 6.35 -53.33
CA MET A 139 -40.23 5.83 -54.31
C MET A 139 -40.63 4.41 -53.95
N GLU A 140 -41.87 4.24 -53.54
CA GLU A 140 -42.41 2.91 -53.24
C GLU A 140 -43.31 2.48 -54.38
N GLY A 141 -42.79 1.63 -55.26
CA GLY A 141 -43.50 1.27 -56.46
C GLY A 141 -43.59 2.46 -57.38
N LYS A 142 -44.77 3.05 -57.49
CA LYS A 142 -44.95 4.26 -58.27
C LYS A 142 -45.42 5.42 -57.40
N GLN A 143 -45.35 5.25 -56.09
CA GLN A 143 -45.79 6.27 -55.15
C GLN A 143 -44.61 6.97 -54.47
N PRO A 144 -44.50 8.29 -54.68
CA PRO A 144 -43.40 9.11 -54.15
C PRO A 144 -43.50 9.34 -52.64
N GLY A 145 -42.44 9.85 -52.06
CA GLY A 145 -42.41 10.19 -50.64
C GLY A 145 -41.33 11.21 -50.35
N ALA A 146 -41.48 11.92 -49.23
CA ALA A 146 -40.50 12.92 -48.84
C ALA A 146 -40.47 13.07 -47.33
N ASN A 147 -39.40 13.68 -46.82
CA ASN A 147 -39.21 13.84 -45.39
C ASN A 147 -38.18 14.92 -45.09
N LEU A 148 -38.47 15.74 -44.09
CA LEU A 148 -37.53 16.76 -43.66
C LEU A 148 -37.40 16.69 -42.14
N ASP A 149 -36.18 16.50 -41.67
CA ASP A 149 -35.94 16.31 -40.25
C ASP A 149 -34.90 17.27 -39.70
N ALA A 150 -34.93 17.47 -38.39
CA ALA A 150 -33.98 18.33 -37.70
C ALA A 150 -33.86 17.93 -36.24
N ASN A 151 -32.72 18.18 -35.63
CA ASN A 151 -32.51 17.83 -34.23
C ASN A 151 -31.46 18.70 -33.56
N ALA A 152 -31.36 18.55 -32.24
CA ALA A 152 -30.37 19.27 -31.45
C ALA A 152 -30.10 18.52 -30.17
N ALA A 153 -28.85 18.55 -29.71
CA ALA A 153 -28.48 17.86 -28.48
C ALA A 153 -27.46 18.65 -27.67
N ILE A 154 -27.50 18.46 -26.36
CA ILE A 154 -26.57 19.13 -25.45
C ILE A 154 -25.98 18.11 -24.49
N THR A 155 -24.66 18.14 -24.36
CA THR A 155 -23.96 17.20 -23.48
C THR A 155 -23.04 17.94 -22.52
N LYS A 156 -22.85 17.35 -21.34
CA LYS A 156 -21.93 17.89 -20.35
C LYS A 156 -21.25 16.75 -19.62
N THR A 157 -19.92 16.75 -19.62
CA THR A 157 -19.15 15.70 -18.98
C THR A 157 -18.19 16.26 -17.93
N ILE A 158 -18.18 15.62 -16.77
CA ILE A 158 -17.31 16.05 -15.68
C ILE A 158 -16.40 14.90 -15.27
N SER A 159 -15.09 15.17 -15.24
CA SER A 159 -14.10 14.13 -14.94
C SER A 159 -13.19 14.55 -13.80
N TYR A 160 -12.92 13.62 -12.89
CA TYR A 160 -12.06 13.90 -11.73
C TYR A 160 -11.34 12.66 -11.23
N GLN A 161 -10.51 12.86 -10.20
CA GLN A 161 -9.75 11.78 -9.58
C GLN A 161 -10.31 11.51 -8.19
N GLN A 162 -10.50 10.23 -7.86
CA GLN A 162 -11.14 9.89 -6.59
C GLN A 162 -10.31 8.89 -5.79
N PRO A 163 -9.72 9.37 -4.68
CA PRO A 163 -8.97 8.47 -3.79
C PRO A 163 -9.91 7.59 -2.99
N ASP A 164 -9.43 6.42 -2.58
CA ASP A 164 -10.22 5.50 -1.79
C ASP A 164 -10.49 6.07 -0.41
N TYR A 165 -9.56 6.89 0.07
CA TYR A 165 -9.69 7.60 1.32
C TYR A 165 -9.28 9.07 1.16
N GLU A 166 -9.99 9.96 1.84
CA GLU A 166 -9.70 11.39 1.78
C GLU A 166 -9.12 11.91 3.09
N THR A 167 -8.02 12.65 3.00
CA THR A 167 -7.38 13.22 4.18
C THR A 167 -7.49 14.74 4.21
N ALA A 168 -7.90 15.26 5.36
CA ALA A 168 -7.99 16.71 5.56
C ALA A 168 -7.81 17.05 7.04
N LYS A 169 -7.23 18.21 7.32
CA LYS A 169 -7.03 18.63 8.70
C LYS A 169 -8.18 19.53 9.17
N THR A 170 -8.66 19.24 10.37
CA THR A 170 -9.83 19.95 10.92
C THR A 170 -9.38 20.98 11.94
N THR A 171 -8.16 20.81 12.42
CA THR A 171 -7.58 21.70 13.42
C THR A 171 -6.09 21.89 13.15
N SER A 172 -5.62 23.13 13.26
CA SER A 172 -4.20 23.42 13.08
C SER A 172 -3.81 24.71 13.78
N THR A 173 -3.46 24.58 15.06
CA THR A 173 -3.00 25.71 15.86
C THR A 173 -1.49 25.59 16.10
N VAL A 174 -0.95 26.48 16.92
CA VAL A 174 0.49 26.46 17.19
C VAL A 174 0.79 25.49 18.32
N THR A 175 -0.26 24.82 18.81
CA THR A 175 -0.13 23.90 19.92
C THR A 175 -0.65 22.51 19.58
N GLY A 176 -1.40 22.39 18.48
CA GLY A 176 -1.94 21.10 18.08
C GLY A 176 -2.47 21.03 16.67
N VAL A 177 -2.44 19.83 16.10
CA VAL A 177 -2.95 19.57 14.75
C VAL A 177 -3.74 18.27 14.72
N ASN A 178 -4.79 18.23 13.92
CA ASN A 178 -5.59 17.02 13.77
C ASN A 178 -5.95 16.72 12.31
N TRP A 179 -5.66 15.48 11.89
CA TRP A 179 -6.02 15.04 10.54
C TRP A 179 -7.06 13.94 10.58
N ASN A 180 -7.95 13.93 9.59
CA ASN A 180 -8.96 12.88 9.46
C ASN A 180 -8.85 12.21 8.10
N THR A 181 -8.68 10.89 8.11
CA THR A 181 -8.67 10.11 6.88
C THR A 181 -9.97 9.33 6.79
N ASN A 182 -10.86 9.76 5.89
CA ASN A 182 -12.18 9.18 5.80
C ASN A 182 -12.37 8.30 4.58
N PHE A 183 -13.23 7.29 4.73
CA PHE A 183 -13.63 6.46 3.61
C PHE A 183 -14.53 7.28 2.69
N THR A 184 -14.35 7.11 1.38
CA THR A 184 -15.13 7.86 0.41
C THR A 184 -16.25 6.98 -0.16
N GLU A 185 -15.92 6.25 -1.21
CA GLU A 185 -16.86 5.34 -1.84
C GLU A 185 -16.13 4.08 -2.29
N THR A 186 -16.90 3.02 -2.56
CA THR A 186 -16.31 1.76 -3.01
C THR A 186 -15.95 1.83 -4.48
N ARG A 187 -15.23 0.82 -4.96
CA ARG A 187 -14.86 0.72 -6.37
C ARG A 187 -16.13 0.71 -7.22
N ASP A 188 -17.16 0.08 -6.68
CA ASP A 188 -18.46 -0.01 -7.33
C ASP A 188 -19.04 1.39 -7.53
N GLY A 189 -18.85 2.25 -6.54
CA GLY A 189 -19.37 3.61 -6.56
C GLY A 189 -20.37 3.87 -5.43
N TYR A 190 -20.48 2.92 -4.50
CA TYR A 190 -21.44 3.02 -3.41
C TYR A 190 -20.89 3.76 -2.20
N THR A 191 -21.80 4.29 -1.38
CA THR A 191 -21.42 5.06 -0.20
C THR A 191 -22.10 4.53 1.05
N ARG A 192 -21.97 5.27 2.16
CA ARG A 192 -22.64 4.93 3.40
C ARG A 192 -24.05 5.51 3.39
N ASN A 193 -24.32 6.36 2.40
CA ASN A 193 -25.62 6.98 2.24
C ASN A 193 -26.49 6.21 1.26
N SER A 194 -25.87 5.28 0.55
CA SER A 194 -26.54 4.54 -0.51
C SER A 194 -27.71 3.74 0.05
N TRP A 195 -28.84 3.79 -0.65
CA TRP A 195 -30.00 3.03 -0.23
C TRP A 195 -30.89 2.70 -1.41
N ASN A 196 -31.30 1.44 -1.47
CA ASN A 196 -32.20 0.94 -2.49
C ASN A 196 -33.42 0.35 -1.78
N PRO A 197 -34.61 0.61 -2.32
CA PRO A 197 -35.83 0.08 -1.66
C PRO A 197 -35.81 -1.43 -1.56
N VAL A 198 -35.29 -2.09 -2.59
CA VAL A 198 -35.24 -3.56 -2.61
C VAL A 198 -34.02 -4.15 -1.89
N TYR A 199 -32.83 -3.63 -2.17
CA TYR A 199 -31.60 -4.24 -1.67
C TYR A 199 -30.91 -3.44 -0.57
N GLY A 200 -31.51 -2.33 -0.15
CA GLY A 200 -30.91 -1.50 0.87
C GLY A 200 -29.56 -0.96 0.44
N ASN A 201 -28.57 -1.04 1.33
CA ASN A 201 -27.22 -0.61 1.03
C ASN A 201 -26.37 -1.77 0.49
N GLN A 202 -25.98 -1.68 -0.78
CA GLN A 202 -25.26 -2.75 -1.45
C GLN A 202 -23.75 -2.52 -1.37
N MET A 203 -23.34 -1.73 -0.39
CA MET A 203 -21.97 -1.28 -0.20
C MET A 203 -20.89 -2.36 -0.35
N PHE A 204 -20.96 -3.39 0.49
CA PHE A 204 -19.96 -4.46 0.51
C PHE A 204 -20.60 -5.80 0.15
N MET A 205 -21.54 -5.76 -0.79
CA MET A 205 -22.29 -6.93 -1.20
C MET A 205 -21.75 -7.50 -2.51
N TYR A 206 -21.41 -8.79 -2.52
CA TYR A 206 -20.94 -9.44 -3.73
C TYR A 206 -22.07 -9.72 -4.71
N GLY A 207 -23.14 -10.34 -4.22
CA GLY A 207 -24.28 -10.68 -5.04
C GLY A 207 -25.57 -10.54 -4.27
N ARG A 208 -26.70 -10.56 -4.98
CA ARG A 208 -27.99 -10.35 -4.34
C ARG A 208 -28.71 -11.67 -4.03
N TYR A 209 -28.35 -12.72 -4.75
CA TYR A 209 -29.04 -14.01 -4.61
C TYR A 209 -28.09 -15.11 -4.21
N THR A 210 -26.92 -14.72 -3.69
CA THR A 210 -25.91 -15.68 -3.25
C THR A 210 -26.46 -16.62 -2.19
N SER A 211 -26.20 -17.92 -2.36
CA SER A 211 -26.70 -18.94 -1.46
C SER A 211 -26.09 -18.83 -0.07
N ASN A 212 -24.77 -18.75 -0.02
CA ASN A 212 -24.04 -18.74 1.25
C ASN A 212 -23.66 -17.32 1.69
N ILE A 213 -24.05 -16.95 2.89
CA ILE A 213 -23.79 -15.61 3.43
C ILE A 213 -22.29 -15.34 3.59
N ARG A 214 -21.52 -16.40 3.81
CA ARG A 214 -20.10 -16.27 4.09
C ARG A 214 -19.28 -16.12 2.82
N ASN A 215 -19.96 -16.15 1.67
CA ASN A 215 -19.30 -15.89 0.40
C ASN A 215 -19.83 -14.63 -0.26
N ASN A 216 -20.69 -13.91 0.45
CA ASN A 216 -21.37 -12.75 -0.11
C ASN A 216 -20.83 -11.41 0.39
N PHE A 217 -19.54 -11.33 0.62
CA PHE A 217 -18.89 -10.07 0.94
C PHE A 217 -17.84 -9.81 -0.14
N THR A 218 -17.64 -8.54 -0.49
CA THR A 218 -16.75 -8.21 -1.59
C THR A 218 -15.32 -8.67 -1.30
N PRO A 219 -14.68 -9.30 -2.29
CA PRO A 219 -13.33 -9.84 -2.18
C PRO A 219 -12.35 -8.75 -1.75
N ASP A 220 -11.32 -9.14 -1.00
CA ASP A 220 -10.37 -8.18 -0.45
C ASP A 220 -9.71 -7.31 -1.50
N TYR A 221 -9.54 -7.85 -2.71
CA TYR A 221 -8.82 -7.14 -3.77
C TYR A 221 -9.66 -6.00 -4.35
N GLN A 222 -10.95 -5.99 -4.05
CA GLN A 222 -11.84 -4.93 -4.51
C GLN A 222 -12.03 -3.87 -3.44
N LEU A 223 -11.33 -4.03 -2.32
CA LEU A 223 -11.40 -3.10 -1.21
C LEU A 223 -10.05 -2.42 -1.03
N SER A 224 -10.05 -1.28 -0.33
CA SER A 224 -8.80 -0.60 -0.05
C SER A 224 -7.99 -1.40 0.96
N SER A 225 -6.68 -1.26 0.91
CA SER A 225 -5.81 -1.94 1.87
C SER A 225 -6.05 -1.39 3.27
N LEU A 226 -6.67 -0.22 3.35
CA LEU A 226 -6.97 0.42 4.62
C LEU A 226 -8.13 -0.28 5.31
N ILE A 227 -8.99 -0.92 4.52
CA ILE A 227 -10.12 -1.67 5.05
C ILE A 227 -9.69 -3.09 5.41
N THR A 228 -9.03 -3.76 4.47
CA THR A 228 -8.58 -5.14 4.67
C THR A 228 -7.37 -5.27 5.60
N SER A 229 -6.40 -4.38 5.46
CA SER A 229 -5.12 -4.56 6.16
C SER A 229 -4.79 -3.48 7.19
N GLY A 230 -4.54 -2.25 6.75
CA GLY A 230 -4.19 -1.18 7.68
C GLY A 230 -3.82 0.14 7.03
N PHE A 231 -3.63 1.16 7.86
CA PHE A 231 -3.27 2.50 7.41
C PHE A 231 -1.77 2.77 7.59
N SER A 232 -1.14 3.38 6.59
CA SER A 232 0.27 3.77 6.70
C SER A 232 0.43 5.27 6.54
N PRO A 233 0.06 6.05 7.57
CA PRO A 233 0.05 7.51 7.52
C PRO A 233 1.45 8.14 7.53
N SER A 234 1.55 9.32 6.94
CA SER A 234 2.80 10.08 6.92
C SER A 234 2.54 11.57 7.09
N TYR A 235 3.09 12.15 8.16
CA TYR A 235 2.96 13.58 8.38
C TYR A 235 4.32 14.22 8.59
N GLY A 236 4.32 15.54 8.67
CA GLY A 236 5.53 16.29 8.94
C GLY A 236 5.18 17.54 9.71
N LEU A 237 6.05 17.93 10.63
CA LEU A 237 5.83 19.14 11.41
C LEU A 237 7.10 19.97 11.49
N VAL A 238 6.93 21.25 11.75
CA VAL A 238 8.08 22.13 11.97
C VAL A 238 7.87 22.89 13.28
N LEU A 239 8.74 22.63 14.24
CA LEU A 239 8.68 23.33 15.52
C LEU A 239 9.80 24.36 15.58
N ARG A 240 9.51 25.51 16.19
CA ARG A 240 10.51 26.56 16.32
C ARG A 240 10.59 27.05 17.76
N ALA A 241 11.79 27.36 18.22
CA ALA A 241 11.99 27.82 19.59
C ALA A 241 13.23 28.70 19.72
N PRO A 242 13.38 29.34 20.88
CA PRO A 242 14.58 30.14 21.23
C PRO A 242 15.79 29.24 21.44
N LYS A 243 16.99 29.77 21.23
CA LYS A 243 18.22 28.97 21.38
C LYS A 243 18.41 28.38 22.77
N ASP A 244 17.66 28.88 23.76
CA ASP A 244 17.87 28.45 25.13
C ASP A 244 16.80 27.48 25.63
N VAL A 245 16.08 26.86 24.69
CA VAL A 245 15.13 25.81 25.04
C VAL A 245 15.91 24.52 25.36
N LYS A 246 15.41 23.74 26.30
CA LYS A 246 16.09 22.50 26.68
C LYS A 246 15.29 21.26 26.27
N LYS A 247 14.01 21.23 26.63
CA LYS A 247 13.18 20.07 26.35
C LYS A 247 11.74 20.43 26.01
N SER A 248 11.09 19.52 25.28
CA SER A 248 9.67 19.65 24.96
C SER A 248 9.15 18.26 24.60
N ARG A 249 7.83 18.08 24.62
CA ARG A 249 7.27 16.78 24.32
C ARG A 249 6.29 16.81 23.16
N ILE A 250 6.01 15.62 22.63
CA ILE A 250 5.05 15.45 21.55
C ILE A 250 4.15 14.28 21.92
N LYS A 251 2.84 14.55 21.96
CA LYS A 251 1.88 13.52 22.32
C LYS A 251 0.98 13.23 21.12
N VAL A 252 1.02 11.99 20.64
CA VAL A 252 0.26 11.61 19.46
C VAL A 252 -0.90 10.70 19.84
N VAL A 253 -2.08 11.02 19.32
CA VAL A 253 -3.27 10.23 19.60
C VAL A 253 -3.81 9.58 18.32
N PHE A 254 -3.96 8.27 18.35
CA PHE A 254 -4.50 7.52 17.22
C PHE A 254 -5.92 7.06 17.51
N ALA A 255 -6.84 7.38 16.61
CA ALA A 255 -8.22 6.97 16.77
C ALA A 255 -8.73 6.24 15.53
N ARG A 256 -9.29 5.06 15.74
CA ARG A 256 -9.83 4.27 14.65
C ARG A 256 -11.32 4.03 14.86
N ARG A 257 -12.14 4.68 14.04
CA ARG A 257 -13.59 4.56 14.18
C ARG A 257 -14.15 3.58 13.16
N SER A 258 -14.67 2.45 13.65
CA SER A 258 -15.16 1.40 12.77
C SER A 258 -16.68 1.36 12.74
N GLU A 259 -17.23 0.99 11.58
CA GLU A 259 -18.67 0.87 11.43
C GLU A 259 -19.05 -0.57 11.12
N THR A 260 -20.33 -0.89 11.25
CA THR A 260 -20.79 -2.26 11.03
C THR A 260 -21.66 -2.35 9.79
N TYR A 261 -21.29 -3.26 8.89
CA TYR A 261 -22.09 -3.51 7.71
C TYR A 261 -22.79 -4.85 7.85
N GLN A 262 -24.11 -4.82 7.85
CA GLN A 262 -24.90 -6.03 8.12
C GLN A 262 -25.71 -6.46 6.90
N GLN A 263 -25.78 -7.77 6.68
CA GLN A 263 -26.56 -8.32 5.59
C GLN A 263 -27.72 -9.19 6.10
N ASN A 264 -28.89 -9.01 5.50
CA ASN A 264 -30.07 -9.77 5.87
C ASN A 264 -30.78 -10.36 4.65
N TRP A 265 -31.30 -11.57 4.81
CA TRP A 265 -32.09 -12.22 3.77
C TRP A 265 -33.58 -12.01 4.06
N ASP A 266 -34.31 -11.48 3.08
CA ASP A 266 -35.72 -11.16 3.29
C ASP A 266 -36.65 -12.20 2.70
N GLY A 267 -36.09 -13.13 1.95
CA GLY A 267 -36.87 -14.19 1.34
C GLY A 267 -36.59 -14.33 -0.15
N LEU A 268 -36.27 -13.21 -0.79
CA LEU A 268 -36.03 -13.19 -2.22
C LEU A 268 -34.60 -12.79 -2.55
N ASN A 269 -34.02 -11.90 -1.75
CA ASN A 269 -32.67 -11.42 -1.99
C ASN A 269 -31.99 -10.95 -0.71
N TRP A 270 -30.75 -10.49 -0.84
CA TRP A 270 -30.01 -9.95 0.29
C TRP A 270 -30.23 -8.44 0.34
N TRP A 271 -30.32 -7.89 1.56
CA TRP A 271 -30.37 -6.45 1.73
C TRP A 271 -29.48 -6.07 2.91
N GLY A 272 -28.76 -4.97 2.77
CA GLY A 272 -27.79 -4.58 3.76
C GLY A 272 -28.01 -3.22 4.36
N ARG A 273 -27.46 -3.01 5.55
CA ARG A 273 -27.54 -1.72 6.21
C ARG A 273 -26.20 -1.41 6.86
N ASN A 274 -25.79 -0.16 6.77
CA ASN A 274 -24.53 0.28 7.36
C ASN A 274 -24.77 1.26 8.49
N PHE A 275 -24.24 0.94 9.66
CA PHE A 275 -24.48 1.75 10.85
C PHE A 275 -23.28 1.74 11.77
N TYR A 276 -23.29 2.63 12.76
CA TYR A 276 -22.24 2.66 13.76
C TYR A 276 -22.74 1.90 14.97
N ASP A 277 -22.07 0.80 15.30
CA ASP A 277 -22.55 -0.10 16.32
C ASP A 277 -22.22 0.36 17.73
N THR A 278 -23.13 1.10 18.35
CA THR A 278 -23.00 1.43 19.75
C THR A 278 -23.34 0.13 20.46
N LYS A 279 -22.72 -0.10 21.62
CA LYS A 279 -22.83 -1.37 22.35
C LYS A 279 -21.82 -2.37 21.79
N ASN A 280 -20.84 -1.86 21.05
CA ASN A 280 -19.73 -2.68 20.59
C ASN A 280 -18.42 -2.01 20.94
N PRO A 281 -17.59 -2.69 21.76
CA PRO A 281 -16.33 -2.11 22.22
C PRO A 281 -15.31 -1.97 21.10
N ASP A 282 -15.56 -2.66 19.99
CA ASP A 282 -14.63 -2.69 18.87
C ASP A 282 -14.93 -1.61 17.84
N SER A 283 -15.98 -0.83 18.07
CA SER A 283 -16.37 0.21 17.13
C SER A 283 -15.47 1.43 17.25
N LEU A 284 -14.68 1.47 18.32
CA LEU A 284 -13.77 2.59 18.54
C LEU A 284 -12.50 2.13 19.25
N SER A 285 -11.36 2.51 18.69
CA SER A 285 -10.06 2.18 19.27
C SER A 285 -9.19 3.42 19.36
N LYS A 286 -8.90 3.86 20.58
CA LYS A 286 -8.11 5.06 20.79
C LYS A 286 -6.81 4.72 21.50
N VAL A 287 -5.72 5.33 21.04
CA VAL A 287 -4.40 5.05 21.57
C VAL A 287 -3.51 6.29 21.64
N THR A 288 -2.57 6.29 22.59
CA THR A 288 -1.66 7.40 22.76
C THR A 288 -0.19 6.96 22.74
N LEU A 289 0.64 7.74 22.05
CA LEU A 289 2.09 7.51 22.03
C LEU A 289 2.81 8.82 22.33
N THR A 290 3.71 8.80 23.30
CA THR A 290 4.36 10.04 23.74
C THR A 290 5.87 10.05 23.52
N PHE A 291 6.37 11.15 22.96
CA PHE A 291 7.80 11.33 22.69
C PHE A 291 8.34 12.58 23.36
N GLU A 292 9.62 12.55 23.71
CA GLU A 292 10.28 13.72 24.29
C GLU A 292 11.43 14.17 23.40
N LEU A 293 11.58 15.48 23.25
CA LEU A 293 12.65 16.03 22.42
C LEU A 293 13.68 16.77 23.27
N ASP A 294 14.94 16.38 23.13
CA ASP A 294 16.02 17.08 23.80
C ASP A 294 16.68 17.99 22.79
N TRP A 295 16.33 19.27 22.82
CA TRP A 295 16.78 20.22 21.82
C TRP A 295 18.26 20.52 21.93
N GLN A 296 18.81 20.38 23.13
CA GLN A 296 20.21 20.71 23.36
C GLN A 296 21.12 19.55 22.99
N ASN A 297 20.68 18.33 23.28
CA ASN A 297 21.49 17.14 22.98
C ASN A 297 21.02 16.43 21.72
N HIS A 298 20.04 17.03 21.04
CA HIS A 298 19.49 16.50 19.79
C HIS A 298 19.06 15.04 19.89
N ARG A 299 18.05 14.75 20.71
CA ARG A 299 17.58 13.38 20.87
C ARG A 299 16.06 13.26 20.82
N VAL A 300 15.60 12.12 20.30
CA VAL A 300 14.18 11.77 20.34
C VAL A 300 14.03 10.47 21.12
N THR A 301 13.11 10.46 22.08
CA THR A 301 12.90 9.28 22.91
C THR A 301 11.42 8.97 23.08
N PHE A 302 11.08 7.69 23.04
CA PHE A 302 9.70 7.26 23.23
C PHE A 302 9.49 6.83 24.68
N ILE A 303 8.40 7.30 25.27
CA ILE A 303 8.13 7.05 26.68
C ILE A 303 7.20 5.85 26.86
N ASP B 3 31.98 9.80 -3.62
CA ASP B 3 31.83 8.72 -4.54
C ASP B 3 32.74 7.61 -4.09
N ASN B 4 33.41 6.98 -5.03
CA ASN B 4 34.29 5.89 -4.75
C ASN B 4 35.65 6.41 -4.44
N ILE B 5 35.88 7.70 -4.59
CA ILE B 5 37.21 8.22 -4.31
C ILE B 5 37.36 8.60 -2.83
N ILE B 6 38.21 7.86 -2.12
CA ILE B 6 38.45 8.12 -0.70
C ILE B 6 39.60 9.10 -0.47
N GLY B 7 40.47 9.26 -1.47
CA GLY B 7 41.59 10.18 -1.34
C GLY B 7 42.62 10.06 -2.45
N THR B 8 43.78 10.71 -2.25
CA THR B 8 44.83 10.73 -3.26
C THR B 8 46.22 10.52 -2.66
N THR B 9 47.09 9.89 -3.43
CA THR B 9 48.48 9.70 -3.02
C THR B 9 49.40 10.37 -4.03
N THR B 10 50.33 11.18 -3.53
CA THR B 10 51.22 11.94 -4.39
C THR B 10 52.67 11.71 -4.02
N GLN B 11 53.54 11.67 -5.03
CA GLN B 11 54.97 11.54 -4.80
C GLN B 11 55.74 12.55 -5.65
N GLU B 12 56.56 13.36 -4.99
CA GLU B 12 57.41 14.32 -5.69
C GLU B 12 58.84 13.79 -5.69
N ILE B 13 59.45 13.76 -6.87
CA ILE B 13 60.80 13.23 -7.03
C ILE B 13 61.75 14.34 -7.45
N ASP B 14 62.69 14.66 -6.57
CA ASP B 14 63.63 15.74 -6.80
C ASP B 14 64.62 15.41 -7.90
N GLU B 15 65.45 16.38 -8.28
CA GLU B 15 66.47 16.15 -9.30
C GLU B 15 67.66 15.39 -8.73
N HIS B 16 67.59 15.07 -7.45
CA HIS B 16 68.67 14.35 -6.78
C HIS B 16 68.18 13.02 -6.20
N GLY B 17 66.96 12.65 -6.55
CA GLY B 17 66.39 11.39 -6.10
C GLY B 17 65.70 11.50 -4.76
N ASN B 18 65.50 12.73 -4.29
CA ASN B 18 64.77 12.94 -3.05
C ASN B 18 63.29 12.68 -3.29
N VAL B 19 62.64 12.04 -2.33
CA VAL B 19 61.23 11.68 -2.52
C VAL B 19 60.36 12.20 -1.38
N LYS B 20 59.33 12.95 -1.76
CA LYS B 20 58.35 13.43 -0.81
C LYS B 20 57.02 12.73 -1.08
N THR B 21 56.31 12.37 -0.01
CA THR B 21 55.04 11.68 -0.17
C THR B 21 53.93 12.43 0.54
N ILE B 22 52.84 12.66 -0.17
CA ILE B 22 51.70 13.38 0.37
C ILE B 22 50.45 12.52 0.25
N ILE B 23 49.84 12.22 1.39
CA ILE B 23 48.64 11.39 1.41
C ILE B 23 47.46 12.18 1.94
N THR B 24 46.39 12.21 1.16
CA THR B 24 45.19 12.95 1.52
C THR B 24 43.98 12.04 1.56
N VAL B 25 43.25 12.07 2.68
CA VAL B 25 42.01 11.32 2.79
C VAL B 25 40.87 12.28 3.13
N LYS B 26 39.69 12.02 2.62
CA LYS B 26 38.56 12.87 2.92
C LYS B 26 37.69 12.30 4.00
N ASN B 27 37.33 13.15 4.94
CA ASN B 27 36.52 12.74 6.08
C ASN B 27 35.03 12.88 5.76
N GLN B 28 34.25 11.88 6.15
CA GLN B 28 32.84 11.85 5.79
C GLN B 28 31.92 11.95 7.00
N GLN B 29 30.76 12.58 6.79
CA GLN B 29 29.76 12.70 7.83
C GLN B 29 29.04 11.38 8.04
N ILE B 30 28.82 10.65 6.95
CA ILE B 30 28.16 9.36 7.01
C ILE B 30 29.02 8.31 6.33
N GLU B 31 29.36 7.25 7.07
CA GLU B 31 30.17 6.18 6.51
C GLU B 31 29.29 4.96 6.23
N SER B 32 29.48 4.38 5.05
CA SER B 32 28.62 3.27 4.63
C SER B 32 29.43 2.00 4.40
N TYR B 33 29.08 0.95 5.13
CA TYR B 33 29.69 -0.35 4.94
C TYR B 33 28.60 -1.33 4.53
N THR B 34 28.86 -2.14 3.52
CA THR B 34 27.84 -3.04 2.99
C THR B 34 28.24 -4.51 3.12
N SER B 35 27.23 -5.37 3.25
CA SER B 35 27.45 -6.81 3.29
C SER B 35 26.24 -7.54 2.75
N THR B 36 26.44 -8.80 2.34
CA THR B 36 25.38 -9.58 1.72
C THR B 36 25.58 -11.07 1.97
N ASP B 37 24.52 -11.75 2.37
CA ASP B 37 24.55 -13.20 2.47
C ASP B 37 23.25 -13.80 1.96
N SER B 38 23.31 -15.03 1.45
CA SER B 38 22.14 -15.67 0.86
C SER B 38 21.89 -17.05 1.48
N GLY B 39 20.64 -17.52 1.36
CA GLY B 39 20.28 -18.83 1.87
C GLY B 39 19.11 -19.45 1.14
N THR B 40 19.07 -20.78 1.13
CA THR B 40 18.00 -21.52 0.47
C THR B 40 17.35 -22.49 1.46
N ALA B 41 16.04 -22.66 1.33
CA ALA B 41 15.29 -23.49 2.27
C ALA B 41 14.91 -24.85 1.68
N LYS B 42 14.24 -25.66 2.49
CA LYS B 42 13.92 -27.03 2.11
C LYS B 42 12.97 -27.11 0.91
N ASN B 43 12.16 -26.08 0.72
CA ASN B 43 11.21 -26.05 -0.39
C ASN B 43 11.77 -25.26 -1.58
N ARG B 44 13.08 -25.08 -1.58
CA ARG B 44 13.80 -24.43 -2.67
C ARG B 44 13.44 -22.97 -2.82
N SER B 45 13.02 -22.33 -1.74
CA SER B 45 12.83 -20.88 -1.73
C SER B 45 14.08 -20.22 -1.14
N THR B 46 14.52 -19.12 -1.74
CA THR B 46 15.75 -18.48 -1.32
C THR B 46 15.52 -17.03 -0.89
N LEU B 47 16.41 -16.54 -0.04
CA LEU B 47 16.38 -15.15 0.40
C LEU B 47 17.78 -14.56 0.46
N THR B 48 17.93 -13.38 -0.12
CA THR B 48 19.19 -12.66 -0.06
C THR B 48 19.02 -11.40 0.78
N VAL B 49 19.95 -11.20 1.72
CA VAL B 49 19.91 -10.01 2.55
C VAL B 49 21.05 -9.06 2.21
N ASN B 50 20.71 -7.85 1.82
CA ASN B 50 21.70 -6.81 1.56
C ASN B 50 21.63 -5.78 2.67
N ALA B 51 22.73 -5.63 3.40
CA ALA B 51 22.75 -4.72 4.54
C ALA B 51 23.63 -3.52 4.25
N ASN B 52 23.15 -2.35 4.63
CA ASN B 52 23.90 -1.11 4.45
C ASN B 52 24.08 -0.44 5.79
N PHE B 53 25.22 -0.67 6.43
CA PHE B 53 25.48 -0.13 7.74
C PHE B 53 25.93 1.32 7.64
N LEU B 54 25.09 2.24 8.10
CA LEU B 54 25.43 3.64 8.08
C LEU B 54 25.85 4.10 9.47
N ASN B 55 26.94 4.84 9.55
CA ASN B 55 27.35 5.43 10.82
C ASN B 55 27.45 6.93 10.64
N ASP B 56 26.42 7.62 11.12
CA ASP B 56 26.31 9.07 11.00
C ASP B 56 26.84 9.78 12.25
N LYS B 57 27.97 10.47 12.12
CA LYS B 57 28.56 11.19 13.25
C LYS B 57 27.59 12.25 13.79
N TYR B 58 26.59 12.60 12.98
CA TYR B 58 25.61 13.61 13.36
C TYR B 58 24.29 12.95 13.77
N SER B 59 24.37 11.66 14.08
CA SER B 59 23.24 10.91 14.62
C SER B 59 23.72 10.34 15.94
N ASN B 60 22.79 10.06 16.85
CA ASN B 60 23.18 9.51 18.14
C ASN B 60 22.88 8.02 18.18
N GLU B 61 22.64 7.48 16.99
CA GLU B 61 22.25 6.09 16.81
C GLU B 61 22.91 5.48 15.58
N LEU B 62 22.87 4.16 15.47
CA LEU B 62 23.35 3.49 14.27
C LEU B 62 22.15 3.08 13.44
N THR B 63 22.28 3.21 12.12
CA THR B 63 21.18 2.87 11.23
C THR B 63 21.61 1.83 10.20
N THR B 64 20.81 0.77 10.09
CA THR B 64 21.06 -0.27 9.12
C THR B 64 19.88 -0.40 8.15
N ILE B 65 20.17 -0.28 6.87
CA ILE B 65 19.15 -0.42 5.85
C ILE B 65 19.26 -1.80 5.22
N LEU B 66 18.21 -2.60 5.37
CA LEU B 66 18.21 -3.95 4.83
C LEU B 66 17.39 -3.99 3.56
N SER B 67 17.85 -4.76 2.58
CA SER B 67 17.07 -5.01 1.38
C SER B 67 16.85 -6.51 1.25
N LEU B 68 15.61 -6.92 1.45
CA LEU B 68 15.27 -8.33 1.42
C LEU B 68 14.76 -8.71 0.04
N ASN B 69 15.54 -9.55 -0.65
CA ASN B 69 15.19 -10.00 -1.98
C ASN B 69 15.23 -11.51 -2.05
N GLY B 70 14.14 -12.13 -2.48
CA GLY B 70 14.05 -13.57 -2.48
C GLY B 70 13.30 -14.16 -3.65
N PHE B 71 13.09 -15.47 -3.59
CA PHE B 71 12.34 -16.19 -4.61
C PHE B 71 11.61 -17.37 -3.97
N ILE B 72 10.31 -17.43 -4.22
CA ILE B 72 9.50 -18.52 -3.73
C ILE B 72 8.81 -19.21 -4.91
N PRO B 73 9.09 -20.50 -5.09
CA PRO B 73 8.46 -21.22 -6.20
C PRO B 73 6.96 -21.34 -5.96
N SER B 74 6.20 -21.43 -7.04
CA SER B 74 4.75 -21.49 -6.92
C SER B 74 4.31 -22.80 -6.27
N GLY B 75 5.08 -23.86 -6.52
CA GLY B 75 4.74 -25.18 -6.00
C GLY B 75 3.45 -25.62 -6.62
N ARG B 76 3.26 -25.24 -7.88
CA ARG B 76 2.05 -25.53 -8.63
C ARG B 76 2.05 -26.98 -9.12
N LYS B 77 0.92 -27.65 -8.98
CA LYS B 77 0.83 -29.06 -9.34
C LYS B 77 -0.43 -29.37 -10.16
N PHE B 78 -0.38 -30.48 -10.87
CA PHE B 78 -1.54 -30.98 -11.61
C PHE B 78 -1.83 -32.41 -11.19
N ILE B 79 -3.08 -32.68 -10.84
CA ILE B 79 -3.47 -34.01 -10.40
C ILE B 79 -4.59 -34.57 -11.25
N PHE B 80 -4.29 -35.64 -11.98
CA PHE B 80 -5.27 -36.32 -12.79
C PHE B 80 -5.38 -37.77 -12.34
N PRO B 81 -6.61 -38.21 -12.01
CA PRO B 81 -6.83 -39.60 -11.59
C PRO B 81 -6.45 -40.60 -12.68
N LYS B 82 -5.84 -41.70 -12.28
CA LYS B 82 -5.32 -42.69 -13.24
C LYS B 82 -6.41 -43.28 -14.12
N ASN B 83 -7.51 -43.69 -13.50
CA ASN B 83 -8.61 -44.32 -14.24
C ASN B 83 -9.64 -43.30 -14.72
N ASN B 84 -10.00 -42.38 -13.83
CA ASN B 84 -10.96 -41.34 -14.14
C ASN B 84 -10.42 -40.29 -15.11
N THR B 85 -11.12 -40.09 -16.22
CA THR B 85 -10.76 -39.06 -17.18
C THR B 85 -11.78 -37.94 -17.15
N LEU B 86 -12.66 -37.99 -16.16
CA LEU B 86 -13.73 -37.01 -16.02
C LEU B 86 -13.45 -36.03 -14.90
N LYS B 87 -12.21 -36.02 -14.41
CA LYS B 87 -11.85 -35.18 -13.28
C LYS B 87 -10.42 -34.68 -13.40
N GLY B 88 -10.15 -33.51 -12.84
CA GLY B 88 -8.81 -32.94 -12.86
C GLY B 88 -8.65 -31.87 -11.81
N GLU B 89 -7.41 -31.72 -11.33
CA GLU B 89 -7.12 -30.75 -10.28
C GLU B 89 -5.87 -29.93 -10.62
N MET B 90 -5.84 -28.70 -10.14
CA MET B 90 -4.65 -27.87 -10.25
C MET B 90 -4.39 -27.14 -8.94
N LEU B 91 -3.27 -27.45 -8.31
CA LEU B 91 -2.90 -26.82 -7.06
C LEU B 91 -2.08 -25.55 -7.36
N TRP B 92 -2.60 -24.40 -6.94
CA TRP B 92 -1.98 -23.12 -7.28
C TRP B 92 -1.83 -22.23 -6.05
N PRO B 93 -0.82 -21.34 -6.08
CA PRO B 93 -0.48 -20.47 -4.94
C PRO B 93 -1.41 -19.26 -4.81
N GLN B 94 -2.36 -19.34 -3.90
CA GLN B 94 -3.31 -18.27 -3.67
C GLN B 94 -2.67 -17.06 -2.98
N ARG B 95 -1.83 -17.33 -1.98
CA ARG B 95 -1.26 -16.26 -1.17
C ARG B 95 0.21 -16.49 -0.80
N TYR B 96 1.01 -15.45 -0.93
CA TYR B 96 2.40 -15.47 -0.47
C TYR B 96 2.53 -14.56 0.74
N SER B 97 3.09 -15.09 1.83
CA SER B 97 3.27 -14.28 3.03
C SER B 97 4.74 -14.21 3.43
N THR B 98 5.12 -13.06 3.99
CA THR B 98 6.47 -12.88 4.50
C THR B 98 6.45 -12.13 5.82
N ALA B 99 7.02 -12.76 6.85
CA ALA B 99 7.13 -12.12 8.15
C ALA B 99 8.60 -11.95 8.50
N VAL B 100 8.95 -10.78 9.04
CA VAL B 100 10.31 -10.51 9.45
C VAL B 100 10.31 -10.17 10.94
N TYR B 101 11.16 -10.85 11.69
CA TYR B 101 11.21 -10.63 13.13
C TYR B 101 12.54 -10.03 13.55
N ASN B 102 12.46 -9.07 14.47
CA ASN B 102 13.63 -8.37 14.97
C ASN B 102 14.01 -8.89 16.34
N ILE B 103 15.14 -9.59 16.41
CA ILE B 103 15.58 -10.18 17.67
C ILE B 103 16.84 -9.50 18.20
N PRO B 104 16.66 -8.54 19.12
CA PRO B 104 17.78 -7.85 19.77
C PRO B 104 18.52 -8.80 20.71
N LEU B 105 19.85 -8.74 20.74
CA LEU B 105 20.63 -9.65 21.58
C LEU B 105 21.30 -8.99 22.80
N ASP B 106 22.10 -7.96 22.56
CA ASP B 106 22.76 -7.26 23.66
C ASP B 106 22.04 -5.94 23.94
N LYS B 107 22.11 -4.99 23.03
CA LYS B 107 21.41 -3.72 23.22
C LYS B 107 20.15 -3.73 22.38
N SER B 108 19.27 -2.76 22.62
CA SER B 108 17.97 -2.71 21.95
C SER B 108 18.07 -2.40 20.46
N VAL B 109 17.20 -3.05 19.68
CA VAL B 109 17.08 -2.75 18.26
C VAL B 109 15.62 -2.66 17.84
N LYS B 110 15.30 -1.70 17.00
CA LYS B 110 13.93 -1.48 16.55
C LYS B 110 13.82 -1.38 15.04
N ILE B 111 12.62 -1.63 14.53
CA ILE B 111 12.33 -1.41 13.13
C ILE B 111 11.61 -0.07 13.02
N THR B 112 12.23 0.90 12.36
CA THR B 112 11.67 2.24 12.29
C THR B 112 10.97 2.50 10.96
N ASN B 113 11.22 1.64 9.98
CA ASN B 113 10.59 1.79 8.68
C ASN B 113 10.49 0.48 7.94
N SER B 114 9.32 0.23 7.37
CA SER B 114 9.11 -0.95 6.54
C SER B 114 8.60 -0.53 5.18
N THR B 115 8.94 -1.32 4.17
CA THR B 115 8.52 -1.03 2.80
C THR B 115 8.30 -2.34 2.07
N PRO B 116 7.22 -2.42 1.27
CA PRO B 116 6.35 -1.28 0.98
C PRO B 116 5.25 -1.05 2.02
N ASP B 117 4.66 0.14 1.98
CA ASP B 117 3.58 0.49 2.90
C ASP B 117 2.23 0.34 2.21
N ASN B 118 1.15 0.62 2.94
CA ASN B 118 -0.19 0.56 2.37
C ASN B 118 -0.59 1.90 1.75
N THR B 119 -0.37 2.03 0.45
CA THR B 119 -0.66 3.27 -0.26
C THR B 119 -2.14 3.38 -0.60
N ILE B 120 -2.68 4.58 -0.46
CA ILE B 120 -4.07 4.84 -0.86
C ILE B 120 -4.11 5.00 -2.37
N ARG B 121 -5.00 4.25 -3.01
CA ARG B 121 -5.08 4.27 -4.46
C ARG B 121 -6.20 5.17 -4.94
N SER B 122 -6.23 5.43 -6.25
CA SER B 122 -7.24 6.30 -6.82
C SER B 122 -7.83 5.69 -8.09
N LYS B 123 -8.91 6.31 -8.56
CA LYS B 123 -9.55 5.90 -9.79
C LYS B 123 -10.00 7.13 -10.56
N GLU B 124 -10.23 6.97 -11.86
CA GLU B 124 -10.69 8.08 -12.69
C GLU B 124 -12.19 7.98 -12.89
N VAL B 125 -12.91 9.06 -12.63
CA VAL B 125 -14.37 9.04 -12.75
C VAL B 125 -14.88 10.11 -13.71
N SER B 126 -15.78 9.71 -14.60
CA SER B 126 -16.42 10.65 -15.50
C SER B 126 -17.93 10.46 -15.52
N ASN B 127 -18.66 11.55 -15.30
CA ASN B 127 -20.12 11.53 -15.37
C ASN B 127 -20.59 12.38 -16.54
N SER B 128 -21.55 11.86 -17.30
CA SER B 128 -22.09 12.60 -18.43
C SER B 128 -23.61 12.63 -18.40
N ILE B 129 -24.19 13.67 -18.98
CA ILE B 129 -25.63 13.78 -19.12
C ILE B 129 -25.94 14.44 -20.46
N THR B 130 -26.96 13.91 -21.15
CA THR B 130 -27.31 14.42 -22.46
C THR B 130 -28.80 14.65 -22.60
N TYR B 131 -29.17 15.76 -23.23
CA TYR B 131 -30.56 16.06 -23.52
C TYR B 131 -30.72 16.20 -25.03
N GLY B 132 -31.76 15.57 -25.57
CA GLY B 132 -31.97 15.61 -27.01
C GLY B 132 -33.36 16.04 -27.38
N ILE B 133 -33.47 16.71 -28.52
CA ILE B 133 -34.74 17.17 -29.04
C ILE B 133 -34.79 16.97 -30.55
N GLY B 134 -35.90 16.45 -31.05
CA GLY B 134 -36.01 16.18 -32.47
C GLY B 134 -37.42 16.35 -32.99
N GLY B 135 -37.52 16.60 -34.29
CA GLY B 135 -38.80 16.77 -34.95
C GLY B 135 -38.63 16.72 -36.45
N GLY B 136 -39.73 16.47 -37.15
CA GLY B 136 -39.70 16.43 -38.59
C GLY B 136 -41.07 16.36 -39.21
N ILE B 137 -41.14 16.53 -40.52
CA ILE B 137 -42.38 16.43 -41.26
C ILE B 137 -42.22 15.37 -42.34
N LYS B 138 -43.33 14.89 -42.86
CA LYS B 138 -43.28 13.79 -43.82
C LYS B 138 -44.37 13.90 -44.87
N MET B 139 -44.17 13.24 -45.99
CA MET B 139 -45.20 13.15 -47.02
C MET B 139 -45.19 11.78 -47.66
N GLU B 140 -46.21 10.99 -47.38
CA GLU B 140 -46.37 9.68 -47.99
C GLU B 140 -47.45 9.79 -49.06
N GLY B 141 -47.01 9.91 -50.32
CA GLY B 141 -47.95 10.17 -51.41
C GLY B 141 -48.51 11.57 -51.29
N LYS B 142 -49.78 11.66 -50.89
CA LYS B 142 -50.41 12.96 -50.67
C LYS B 142 -50.85 13.12 -49.22
N GLN B 143 -50.38 12.22 -48.35
CA GLN B 143 -50.75 12.25 -46.95
C GLN B 143 -49.61 12.77 -46.08
N PRO B 144 -49.83 13.90 -45.40
CA PRO B 144 -48.79 14.53 -44.58
C PRO B 144 -48.54 13.73 -43.31
N GLY B 145 -47.46 14.10 -42.62
CA GLY B 145 -47.10 13.47 -41.36
C GLY B 145 -46.20 14.39 -40.58
N ALA B 146 -46.12 14.16 -39.27
CA ALA B 146 -45.29 14.98 -38.41
C ALA B 146 -44.78 14.13 -37.25
N ASN B 147 -43.75 14.61 -36.58
CA ASN B 147 -43.13 13.84 -35.51
C ASN B 147 -42.30 14.70 -34.58
N LEU B 148 -42.45 14.48 -33.28
CA LEU B 148 -41.67 15.19 -32.28
C LEU B 148 -41.14 14.26 -31.21
N ASP B 149 -39.82 14.24 -31.02
CA ASP B 149 -39.19 13.38 -30.03
C ASP B 149 -38.25 14.15 -29.12
N ALA B 150 -37.96 13.55 -27.96
CA ALA B 150 -37.05 14.13 -26.99
C ALA B 150 -36.45 13.01 -26.15
N ASN B 151 -35.24 13.23 -25.64
CA ASN B 151 -34.58 12.21 -24.84
C ASN B 151 -33.54 12.76 -23.87
N ALA B 152 -33.05 11.89 -23.00
CA ALA B 152 -32.02 12.21 -22.03
C ALA B 152 -31.28 10.95 -21.62
N ALA B 153 -29.99 11.08 -21.35
CA ALA B 153 -29.19 9.92 -20.98
C ALA B 153 -28.18 10.27 -19.88
N ILE B 154 -27.84 9.27 -19.08
CA ILE B 154 -26.89 9.44 -17.99
C ILE B 154 -25.82 8.36 -18.05
N THR B 155 -24.56 8.78 -17.99
CA THR B 155 -23.45 7.84 -18.05
C THR B 155 -22.46 8.06 -16.92
N LYS B 156 -21.80 6.99 -16.51
CA LYS B 156 -20.76 7.08 -15.50
C LYS B 156 -19.67 6.05 -15.80
N THR B 157 -18.43 6.52 -15.90
CA THR B 157 -17.32 5.63 -16.21
C THR B 157 -16.25 5.69 -15.13
N ILE B 158 -15.80 4.52 -14.71
CA ILE B 158 -14.77 4.42 -13.68
C ILE B 158 -13.56 3.63 -14.19
N SER B 159 -12.38 4.22 -14.09
CA SER B 159 -11.16 3.60 -14.60
C SER B 159 -10.07 3.51 -13.54
N TYR B 160 -9.39 2.37 -13.48
CA TYR B 160 -8.32 2.15 -12.51
C TYR B 160 -7.29 1.15 -13.03
N GLN B 161 -6.24 0.92 -12.25
CA GLN B 161 -5.21 -0.04 -12.62
C GLN B 161 -5.26 -1.26 -11.70
N GLN B 162 -5.17 -2.45 -12.29
CA GLN B 162 -5.34 -3.68 -11.52
C GLN B 162 -4.20 -4.68 -11.68
N PRO B 163 -3.40 -4.86 -10.61
CA PRO B 163 -2.30 -5.83 -10.56
C PRO B 163 -2.79 -7.28 -10.44
N ASP B 164 -2.00 -8.22 -10.92
CA ASP B 164 -2.35 -9.64 -10.84
C ASP B 164 -2.32 -10.14 -9.39
N TYR B 165 -1.46 -9.54 -8.60
CA TYR B 165 -1.39 -9.83 -7.17
C TYR B 165 -1.31 -8.52 -6.39
N GLU B 166 -1.96 -8.49 -5.23
CA GLU B 166 -1.96 -7.29 -4.39
C GLU B 166 -1.16 -7.53 -3.12
N THR B 167 -0.25 -6.61 -2.81
CA THR B 167 0.57 -6.72 -1.61
C THR B 167 0.21 -5.65 -0.60
N ALA B 168 0.05 -6.06 0.64
CA ALA B 168 -0.25 -5.14 1.74
C ALA B 168 0.27 -5.71 3.05
N LYS B 169 0.67 -4.83 3.95
CA LYS B 169 1.17 -5.28 5.25
C LYS B 169 0.04 -5.28 6.26
N THR B 170 -0.05 -6.38 7.01
CA THR B 170 -1.14 -6.58 7.95
C THR B 170 -0.67 -6.34 9.37
N THR B 171 0.64 -6.35 9.56
CA THR B 171 1.25 -6.13 10.86
C THR B 171 2.55 -5.37 10.69
N SER B 172 2.77 -4.38 11.54
CA SER B 172 4.01 -3.61 11.49
C SER B 172 4.34 -2.97 12.82
N THR B 173 5.04 -3.70 13.68
CA THR B 173 5.49 -3.18 14.96
C THR B 173 7.01 -2.95 14.88
N VAL B 174 7.62 -2.56 15.99
CA VAL B 174 9.05 -2.29 15.99
C VAL B 174 9.85 -3.57 16.20
N THR B 175 9.13 -4.69 16.29
CA THR B 175 9.76 -5.98 16.56
C THR B 175 9.45 -7.00 15.47
N GLY B 176 8.47 -6.70 14.62
CA GLY B 176 8.10 -7.60 13.55
C GLY B 176 7.22 -6.97 12.48
N VAL B 177 7.32 -7.49 11.26
CA VAL B 177 6.53 -7.02 10.13
C VAL B 177 6.01 -8.19 9.31
N ASN B 178 4.79 -8.06 8.78
CA ASN B 178 4.22 -9.09 7.94
C ASN B 178 3.53 -8.53 6.70
N TRP B 179 3.88 -9.06 5.54
CA TRP B 179 3.26 -8.66 4.28
C TRP B 179 2.48 -9.82 3.68
N ASN B 180 1.37 -9.51 3.02
CA ASN B 180 0.59 -10.53 2.33
C ASN B 180 0.42 -10.18 0.85
N THR B 181 0.84 -11.09 -0.02
CA THR B 181 0.62 -10.91 -1.45
C THR B 181 -0.45 -11.90 -1.89
N ASN B 182 -1.64 -11.37 -2.17
CA ASN B 182 -2.80 -12.21 -2.47
C ASN B 182 -3.17 -12.17 -3.94
N PHE B 183 -3.73 -13.27 -4.44
CA PHE B 183 -4.26 -13.32 -5.80
C PHE B 183 -5.51 -12.46 -5.88
N THR B 184 -5.65 -11.73 -6.98
CA THR B 184 -6.79 -10.84 -7.16
C THR B 184 -7.87 -11.46 -8.04
N GLU B 185 -7.73 -11.30 -9.35
CA GLU B 185 -8.66 -11.88 -10.31
C GLU B 185 -7.90 -12.35 -11.53
N THR B 186 -8.53 -13.20 -12.33
CA THR B 186 -7.88 -13.71 -13.54
C THR B 186 -7.92 -12.65 -14.63
N ARG B 187 -7.17 -12.88 -15.70
CA ARG B 187 -7.19 -11.97 -16.84
C ARG B 187 -8.59 -11.91 -17.40
N ASP B 188 -9.28 -13.04 -17.30
CA ASP B 188 -10.65 -13.17 -17.77
C ASP B 188 -11.55 -12.21 -17.00
N GLY B 189 -11.28 -12.06 -15.70
CA GLY B 189 -12.05 -11.22 -14.83
C GLY B 189 -12.72 -12.01 -13.72
N TYR B 190 -12.36 -13.29 -13.61
CA TYR B 190 -12.95 -14.18 -12.63
C TYR B 190 -12.22 -14.13 -11.29
N THR B 191 -12.92 -14.51 -10.23
CA THR B 191 -12.35 -14.50 -8.89
C THR B 191 -12.57 -15.85 -8.21
N ARG B 192 -12.30 -15.91 -6.92
CA ARG B 192 -12.56 -17.12 -6.15
C ARG B 192 -14.01 -17.16 -5.71
N ASN B 193 -14.72 -16.06 -5.91
CA ASN B 193 -16.13 -15.97 -5.57
C ASN B 193 -17.03 -16.30 -6.76
N SER B 194 -16.43 -16.38 -7.94
CA SER B 194 -17.19 -16.58 -9.17
C SER B 194 -17.93 -17.91 -9.14
N TRP B 195 -19.21 -17.88 -9.54
CA TRP B 195 -20.01 -19.09 -9.60
C TRP B 195 -21.13 -19.00 -10.60
N ASN B 196 -21.28 -20.07 -11.38
CA ASN B 196 -22.33 -20.19 -12.36
C ASN B 196 -23.15 -21.43 -12.05
N PRO B 197 -24.48 -21.34 -12.15
CA PRO B 197 -25.32 -22.50 -11.85
C PRO B 197 -25.00 -23.69 -12.75
N VAL B 198 -24.69 -23.44 -14.01
CA VAL B 198 -24.37 -24.51 -14.94
C VAL B 198 -22.91 -24.95 -14.89
N TYR B 199 -21.98 -23.99 -14.93
CA TYR B 199 -20.56 -24.31 -15.08
C TYR B 199 -19.73 -24.08 -13.82
N GLY B 200 -20.38 -23.70 -12.72
CA GLY B 200 -19.68 -23.44 -11.48
C GLY B 200 -18.66 -22.33 -11.59
N ASN B 201 -17.47 -22.55 -11.04
CA ASN B 201 -16.40 -21.56 -11.12
C ASN B 201 -15.51 -21.83 -12.33
N GLN B 202 -15.53 -20.90 -13.28
CA GLN B 202 -14.80 -21.07 -14.54
C GLN B 202 -13.42 -20.42 -14.46
N MET B 203 -12.92 -20.28 -13.24
CA MET B 203 -11.67 -19.58 -12.94
C MET B 203 -10.52 -19.92 -13.89
N PHE B 204 -10.14 -21.20 -13.93
CA PHE B 204 -9.02 -21.63 -14.74
C PHE B 204 -9.47 -22.63 -15.80
N MET B 205 -10.65 -22.38 -16.36
CA MET B 205 -11.25 -23.26 -17.35
C MET B 205 -11.03 -22.69 -18.75
N TYR B 206 -10.45 -23.49 -19.64
CA TYR B 206 -10.22 -23.05 -21.01
C TYR B 206 -11.51 -23.09 -21.82
N GLY B 207 -12.19 -24.23 -21.75
CA GLY B 207 -13.43 -24.42 -22.47
C GLY B 207 -14.42 -25.25 -21.66
N ARG B 208 -15.67 -25.28 -22.10
CA ARG B 208 -16.72 -25.98 -21.37
C ARG B 208 -17.00 -27.38 -21.91
N TYR B 209 -16.64 -27.61 -23.18
CA TYR B 209 -16.96 -28.88 -23.83
C TYR B 209 -15.70 -29.57 -24.35
N THR B 210 -14.54 -29.16 -23.82
CA THR B 210 -13.26 -29.72 -24.22
C THR B 210 -13.17 -31.23 -24.01
N SER B 211 -12.65 -31.93 -25.02
CA SER B 211 -12.55 -33.39 -25.00
C SER B 211 -11.58 -33.89 -23.93
N ASN B 212 -10.37 -33.34 -23.93
CA ASN B 212 -9.33 -33.80 -23.01
C ASN B 212 -9.21 -32.90 -21.79
N ILE B 213 -9.30 -33.49 -20.60
CA ILE B 213 -9.23 -32.75 -19.35
C ILE B 213 -7.86 -32.08 -19.19
N ARG B 214 -6.85 -32.69 -19.82
CA ARG B 214 -5.49 -32.23 -19.69
C ARG B 214 -5.19 -31.08 -20.65
N ASN B 215 -6.18 -30.70 -21.45
CA ASN B 215 -6.06 -29.56 -22.34
C ASN B 215 -7.03 -28.44 -21.96
N ASN B 216 -7.74 -28.62 -20.86
CA ASN B 216 -8.80 -27.70 -20.47
C ASN B 216 -8.42 -26.81 -19.29
N PHE B 217 -7.16 -26.42 -19.22
CA PHE B 217 -6.71 -25.45 -18.23
C PHE B 217 -6.10 -24.25 -18.94
N THR B 218 -6.26 -23.07 -18.35
CA THR B 218 -5.85 -21.83 -19.00
C THR B 218 -4.34 -21.82 -19.27
N PRO B 219 -3.97 -21.39 -20.49
CA PRO B 219 -2.57 -21.34 -20.93
C PRO B 219 -1.69 -20.51 -20.00
N ASP B 220 -0.44 -20.90 -19.85
CA ASP B 220 0.49 -20.23 -18.93
C ASP B 220 0.64 -18.74 -19.22
N TYR B 221 0.50 -18.35 -20.49
CA TYR B 221 0.73 -16.96 -20.86
C TYR B 221 -0.45 -16.10 -20.41
N GLN B 222 -1.55 -16.75 -20.03
CA GLN B 222 -2.73 -16.03 -19.54
C GLN B 222 -2.74 -16.02 -18.01
N LEU B 223 -1.70 -16.56 -17.40
CA LEU B 223 -1.58 -16.59 -15.95
C LEU B 223 -0.39 -15.74 -15.50
N SER B 224 -0.40 -15.35 -14.24
CA SER B 224 0.71 -14.59 -13.67
C SER B 224 1.92 -15.49 -13.47
N SER B 225 3.11 -14.90 -13.46
CA SER B 225 4.33 -15.66 -13.23
C SER B 225 4.33 -16.25 -11.82
N LEU B 226 3.49 -15.68 -10.96
CA LEU B 226 3.39 -16.12 -9.58
C LEU B 226 2.63 -17.43 -9.49
N ILE B 227 1.74 -17.66 -10.45
CA ILE B 227 0.98 -18.90 -10.52
C ILE B 227 1.76 -19.98 -11.27
N THR B 228 2.25 -19.65 -12.45
CA THR B 228 2.98 -20.60 -13.29
C THR B 228 4.38 -20.93 -12.78
N SER B 229 5.13 -19.90 -12.36
CA SER B 229 6.55 -20.09 -12.05
C SER B 229 6.93 -19.81 -10.60
N GLY B 230 6.84 -18.55 -10.17
CA GLY B 230 7.22 -18.20 -8.81
C GLY B 230 7.17 -16.73 -8.45
N PHE B 231 7.38 -16.45 -7.17
CA PHE B 231 7.34 -15.10 -6.61
C PHE B 231 8.74 -14.52 -6.40
N SER B 232 8.92 -13.26 -6.77
CA SER B 232 10.17 -12.55 -6.53
C SER B 232 9.94 -11.34 -5.65
N PRO B 233 9.76 -11.57 -4.34
CA PRO B 233 9.40 -10.48 -3.42
C PRO B 233 10.59 -9.56 -3.16
N SER B 234 10.30 -8.30 -2.85
CA SER B 234 11.34 -7.35 -2.51
C SER B 234 10.84 -6.43 -1.39
N TYR B 235 11.53 -6.47 -0.26
CA TYR B 235 11.18 -5.62 0.86
C TYR B 235 12.38 -4.83 1.33
N GLY B 236 12.14 -3.92 2.26
CA GLY B 236 13.20 -3.13 2.84
C GLY B 236 12.85 -2.81 4.28
N LEU B 237 13.86 -2.78 5.13
CA LEU B 237 13.67 -2.41 6.52
C LEU B 237 14.74 -1.44 6.94
N VAL B 238 14.46 -0.69 8.00
CA VAL B 238 15.45 0.19 8.58
C VAL B 238 15.54 -0.09 10.07
N LEU B 239 16.70 -0.56 10.50
CA LEU B 239 16.92 -0.85 11.91
C LEU B 239 17.79 0.22 12.55
N ARG B 240 17.47 0.55 13.79
CA ARG B 240 18.23 1.55 14.54
C ARG B 240 18.61 1.00 15.90
N ALA B 241 19.80 1.37 16.37
CA ALA B 241 20.29 0.87 17.66
C ALA B 241 21.24 1.87 18.29
N PRO B 242 21.63 1.61 19.55
CA PRO B 242 22.63 2.45 20.21
C PRO B 242 23.98 2.28 19.53
N LYS B 243 24.81 3.31 19.59
CA LYS B 243 26.09 3.33 18.89
C LYS B 243 27.00 2.18 19.32
N ASP B 244 26.71 1.59 20.46
CA ASP B 244 27.57 0.54 21.02
C ASP B 244 26.94 -0.86 20.96
N VAL B 245 25.96 -1.03 20.08
CA VAL B 245 25.37 -2.36 19.88
C VAL B 245 26.39 -3.24 19.18
N LYS B 246 26.36 -4.53 19.47
CA LYS B 246 27.35 -5.44 18.90
C LYS B 246 26.75 -6.35 17.83
N LYS B 247 25.65 -7.02 18.16
CA LYS B 247 25.04 -7.95 17.24
C LYS B 247 23.53 -8.01 17.41
N SER B 248 22.84 -8.44 16.36
CA SER B 248 21.39 -8.62 16.40
C SER B 248 21.00 -9.62 15.33
N ARG B 249 19.79 -10.17 15.43
CA ARG B 249 19.35 -11.18 14.47
C ARG B 249 18.09 -10.84 13.72
N ILE B 250 17.87 -11.56 12.62
CA ILE B 250 16.71 -11.41 11.78
C ILE B 250 16.11 -12.77 11.44
N LYS B 251 14.83 -12.95 11.74
CA LYS B 251 14.16 -14.20 11.42
C LYS B 251 13.10 -13.97 10.35
N VAL B 252 13.27 -14.61 9.20
CA VAL B 252 12.33 -14.42 8.10
C VAL B 252 11.51 -15.68 7.87
N VAL B 253 10.20 -15.52 7.76
CA VAL B 253 9.30 -16.65 7.54
C VAL B 253 8.58 -16.54 6.21
N PHE B 254 8.68 -17.58 5.40
CA PHE B 254 7.99 -17.63 4.12
C PHE B 254 6.83 -18.61 4.19
N ALA B 255 5.64 -18.13 3.81
CA ALA B 255 4.47 -18.99 3.82
C ALA B 255 3.79 -18.95 2.45
N ARG B 256 3.54 -20.13 1.89
CA ARG B 256 2.89 -20.23 0.60
C ARG B 256 1.60 -21.02 0.75
N ARG B 257 0.48 -20.33 0.65
CA ARG B 257 -0.83 -20.94 0.83
C ARG B 257 -1.47 -21.27 -0.51
N SER B 258 -1.63 -22.56 -0.79
CA SER B 258 -2.13 -22.99 -2.08
C SER B 258 -3.58 -23.45 -1.99
N GLU B 259 -4.32 -23.23 -3.07
CA GLU B 259 -5.70 -23.64 -3.16
C GLU B 259 -5.86 -24.66 -4.27
N THR B 260 -6.99 -25.37 -4.26
CA THR B 260 -7.21 -26.42 -5.25
C THR B 260 -8.34 -26.04 -6.19
N TYR B 261 -8.04 -26.08 -7.49
CA TYR B 261 -9.07 -25.83 -8.50
C TYR B 261 -9.42 -27.16 -9.16
N GLN B 262 -10.67 -27.56 -9.03
CA GLN B 262 -11.12 -28.86 -9.49
C GLN B 262 -12.11 -28.74 -10.64
N GLN B 263 -11.97 -29.62 -11.63
CA GLN B 263 -12.89 -29.66 -12.76
C GLN B 263 -13.60 -31.01 -12.80
N ASN B 264 -14.92 -30.97 -13.02
CA ASN B 264 -15.71 -32.20 -13.07
C ASN B 264 -16.61 -32.22 -14.31
N TRP B 265 -16.76 -33.40 -14.90
CA TRP B 265 -17.69 -33.56 -16.02
C TRP B 265 -19.01 -34.08 -15.46
N ASP B 266 -20.09 -33.37 -15.74
CA ASP B 266 -21.39 -33.71 -15.18
C ASP B 266 -22.28 -34.42 -16.19
N GLY B 267 -21.83 -34.48 -17.43
CA GLY B 267 -22.58 -35.16 -18.48
C GLY B 267 -22.76 -34.35 -19.74
N LEU B 268 -22.87 -33.04 -19.59
CA LEU B 268 -23.09 -32.15 -20.73
C LEU B 268 -21.93 -31.19 -20.92
N ASN B 269 -21.32 -30.79 -19.82
CA ASN B 269 -20.23 -29.82 -19.85
C ASN B 269 -19.28 -29.97 -18.66
N TRP B 270 -18.26 -29.12 -18.63
CA TRP B 270 -17.35 -29.08 -17.49
C TRP B 270 -17.83 -28.05 -16.47
N TRP B 271 -17.67 -28.36 -15.20
CA TRP B 271 -17.94 -27.40 -14.14
C TRP B 271 -16.84 -27.48 -13.10
N GLY B 272 -16.43 -26.32 -12.59
CA GLY B 272 -15.30 -26.27 -11.69
C GLY B 272 -15.63 -25.63 -10.36
N ARG B 273 -14.85 -25.98 -9.35
CA ARG B 273 -15.01 -25.40 -8.03
C ARG B 273 -13.64 -25.17 -7.41
N ASN B 274 -13.48 -24.06 -6.70
CA ASN B 274 -12.22 -23.73 -6.06
C ASN B 274 -12.33 -23.77 -4.55
N PHE B 275 -11.46 -24.54 -3.92
CA PHE B 275 -11.53 -24.76 -2.47
C PHE B 275 -10.15 -24.95 -1.86
N TYR B 276 -10.08 -24.88 -0.53
CA TYR B 276 -8.84 -25.13 0.20
C TYR B 276 -8.82 -26.55 0.76
N ASP B 277 -7.87 -27.35 0.30
CA ASP B 277 -7.78 -28.77 0.67
C ASP B 277 -7.10 -28.92 2.02
N THR B 278 -7.89 -29.03 3.08
CA THR B 278 -7.37 -29.23 4.43
C THR B 278 -6.75 -30.61 4.68
N LYS B 279 -6.89 -31.51 3.72
CA LYS B 279 -6.42 -32.88 3.89
C LYS B 279 -5.28 -33.18 2.92
N ASN B 280 -4.62 -32.12 2.47
CA ASN B 280 -3.43 -32.21 1.62
C ASN B 280 -2.27 -31.43 2.22
N PRO B 281 -1.15 -32.13 2.47
CA PRO B 281 0.03 -31.53 3.11
C PRO B 281 0.71 -30.48 2.23
N ASP B 282 0.37 -30.47 0.94
CA ASP B 282 0.99 -29.54 0.00
C ASP B 282 0.19 -28.26 -0.15
N SER B 283 -0.91 -28.15 0.57
CA SER B 283 -1.76 -26.96 0.49
C SER B 283 -1.16 -25.79 1.26
N LEU B 284 -0.16 -26.08 2.07
CA LEU B 284 0.50 -25.05 2.86
C LEU B 284 1.98 -25.38 3.05
N SER B 285 2.84 -24.40 2.76
CA SER B 285 4.28 -24.60 2.91
C SER B 285 4.92 -23.44 3.67
N LYS B 286 5.43 -23.73 4.87
CA LYS B 286 6.06 -22.69 5.68
C LYS B 286 7.54 -22.99 5.90
N VAL B 287 8.35 -21.94 5.81
CA VAL B 287 9.79 -22.07 5.93
C VAL B 287 10.42 -20.91 6.71
N THR B 288 11.56 -21.18 7.35
CA THR B 288 12.25 -20.16 8.12
C THR B 288 13.71 -20.01 7.70
N LEU B 289 14.16 -18.76 7.61
CA LEU B 289 15.55 -18.45 7.30
C LEU B 289 16.07 -17.42 8.30
N THR B 290 17.20 -17.71 8.92
CA THR B 290 17.73 -16.85 9.97
C THR B 290 19.07 -16.21 9.61
N PHE B 291 19.15 -14.90 9.85
CA PHE B 291 20.36 -14.13 9.57
C PHE B 291 20.85 -13.42 10.82
N GLU B 292 22.16 -13.21 10.91
CA GLU B 292 22.74 -12.49 12.03
C GLU B 292 23.46 -11.25 11.52
N LEU B 293 23.31 -10.14 12.24
CA LEU B 293 23.95 -8.89 11.84
C LEU B 293 25.03 -8.47 12.81
N ASP B 294 26.23 -8.23 12.29
CA ASP B 294 27.34 -7.76 13.11
C ASP B 294 27.49 -6.25 12.89
N TRP B 295 26.94 -5.47 13.82
CA TRP B 295 26.91 -4.02 13.68
C TRP B 295 28.29 -3.38 13.84
N GLN B 296 29.17 -4.04 14.57
CA GLN B 296 30.50 -3.49 14.83
C GLN B 296 31.45 -3.75 13.68
N ASN B 297 31.35 -4.94 13.09
CA ASN B 297 32.22 -5.33 11.99
C ASN B 297 31.51 -5.21 10.65
N HIS B 298 30.27 -4.72 10.68
CA HIS B 298 29.44 -4.54 9.48
C HIS B 298 29.38 -5.81 8.64
N ARG B 299 28.79 -6.86 9.19
CA ARG B 299 28.70 -8.13 8.49
C ARG B 299 27.31 -8.75 8.55
N VAL B 300 26.94 -9.47 7.49
CA VAL B 300 25.71 -10.24 7.45
C VAL B 300 26.03 -11.72 7.26
N THR B 301 25.44 -12.58 8.08
CA THR B 301 25.71 -14.00 8.00
C THR B 301 24.41 -14.82 8.04
N PHE B 302 24.36 -15.85 7.21
CA PHE B 302 23.20 -16.74 7.17
C PHE B 302 23.47 -18.01 7.96
N ILE B 303 22.51 -18.39 8.81
CA ILE B 303 22.66 -19.55 9.67
C ILE B 303 21.96 -20.77 9.09
#